data_2KJO
#
_entry.id   2KJO
#
_cell.length_a   1.000
_cell.length_b   1.000
_cell.length_c   1.000
_cell.angle_alpha   90.00
_cell.angle_beta   90.00
_cell.angle_gamma   90.00
#
_symmetry.space_group_name_H-M   'P 1'
#
_entity_poly.entity_id   1
_entity_poly.type   'polypeptide(L)'
_entity_poly.pdbx_seq_one_letter_code
;KKALLALALHHLAHLALHLALALKKA
;
_entity_poly.pdbx_strand_id   A
#
# COMPACT_ATOMS: atom_id res chain seq x y z
N LYS A 1 25.48 0.98 14.86
CA LYS A 1 24.22 0.37 15.37
C LYS A 1 23.27 0.14 14.20
N LYS A 2 22.42 -0.88 14.31
CA LYS A 2 21.47 -1.18 13.25
C LYS A 2 20.19 -1.74 13.87
N ALA A 3 19.19 -0.89 14.04
CA ALA A 3 17.92 -1.32 14.61
C ALA A 3 17.14 -2.17 13.62
N LEU A 4 17.75 -3.29 13.22
CA LEU A 4 17.11 -4.21 12.27
C LEU A 4 15.70 -4.48 12.70
N LEU A 5 15.58 -4.98 13.91
CA LEU A 5 14.29 -5.31 14.50
C LEU A 5 13.29 -4.19 14.21
N ALA A 6 13.73 -2.97 14.46
CA ALA A 6 12.90 -1.81 14.21
C ALA A 6 12.74 -1.59 12.72
N LEU A 7 13.84 -1.70 12.01
CA LEU A 7 13.83 -1.53 10.57
C LEU A 7 12.84 -2.51 9.94
N ALA A 8 12.88 -3.73 10.42
CA ALA A 8 11.99 -4.78 9.93
C ALA A 8 10.54 -4.45 10.28
N LEU A 9 10.32 -4.24 11.56
CA LEU A 9 9.00 -3.92 12.08
C LEU A 9 8.47 -2.61 11.52
N HIS A 10 9.20 -1.55 11.80
CA HIS A 10 8.82 -0.22 11.36
C HIS A 10 8.47 -0.17 9.87
N HIS A 11 9.50 -0.30 9.04
CA HIS A 11 9.31 -0.25 7.60
C HIS A 11 8.48 -1.41 7.10
N LEU A 12 7.23 -1.47 7.55
CA LEU A 12 6.30 -2.52 7.12
C LEU A 12 5.48 -2.01 5.97
N ALA A 13 4.73 -0.96 6.21
CA ALA A 13 3.90 -0.34 5.19
C ALA A 13 4.62 0.86 4.62
N HIS A 14 4.51 1.07 3.32
CA HIS A 14 5.18 2.20 2.67
C HIS A 14 5.18 2.05 1.16
N LEU A 15 5.44 0.85 0.70
CA LEU A 15 5.49 0.59 -0.73
C LEU A 15 4.10 0.68 -1.33
N ALA A 16 3.11 0.50 -0.48
CA ALA A 16 1.73 0.52 -0.91
C ALA A 16 1.29 1.90 -1.39
N LEU A 17 1.31 2.86 -0.46
CA LEU A 17 0.90 4.23 -0.75
C LEU A 17 1.24 4.61 -2.17
N HIS A 18 2.48 4.39 -2.51
CA HIS A 18 2.96 4.73 -3.85
C HIS A 18 2.22 3.93 -4.90
N LEU A 19 2.34 2.63 -4.78
CA LEU A 19 1.71 1.71 -5.70
C LEU A 19 0.22 2.00 -5.75
N ALA A 20 -0.30 2.32 -4.59
CA ALA A 20 -1.72 2.65 -4.47
C ALA A 20 -2.02 3.88 -5.29
N LEU A 21 -1.29 4.93 -5.03
CA LEU A 21 -1.45 6.17 -5.76
C LEU A 21 -1.29 5.91 -7.25
N ALA A 22 -0.20 5.24 -7.57
CA ALA A 22 0.12 4.90 -8.96
C ALA A 22 -1.04 4.15 -9.61
N LEU A 23 -1.60 3.20 -8.86
CA LEU A 23 -2.72 2.40 -9.37
C LEU A 23 -3.98 3.25 -9.44
N LYS A 24 -4.35 3.84 -8.32
CA LYS A 24 -5.55 4.66 -8.27
C LYS A 24 -5.41 5.84 -9.22
N LYS A 25 -4.21 6.37 -9.32
CA LYS A 25 -3.94 7.51 -10.19
C LYS A 25 -4.85 8.68 -9.82
N ALA A 26 -5.00 9.61 -10.74
CA ALA A 26 -5.85 10.77 -10.52
C ALA A 26 -6.44 11.24 -11.84
N LYS A 1 0.60 -17.43 19.66
CA LYS A 1 0.17 -16.01 19.80
C LYS A 1 -0.30 -15.51 18.44
N LYS A 2 -0.96 -14.36 18.42
CA LYS A 2 -1.43 -13.79 17.17
C LYS A 2 -0.24 -13.65 16.22
N ALA A 3 -0.49 -13.82 14.93
CA ALA A 3 0.57 -13.72 13.93
C ALA A 3 1.10 -12.29 13.83
N LEU A 4 1.50 -11.74 14.97
CA LEU A 4 2.04 -10.39 15.01
C LEU A 4 3.20 -10.28 14.06
N LEU A 5 4.25 -11.02 14.39
CA LEU A 5 5.46 -11.05 13.58
C LEU A 5 5.09 -11.25 12.13
N ALA A 6 4.37 -12.33 11.90
CA ALA A 6 3.94 -12.67 10.54
C ALA A 6 3.30 -11.47 9.87
N LEU A 7 2.45 -10.79 10.61
CA LEU A 7 1.78 -9.60 10.08
C LEU A 7 2.81 -8.51 9.88
N ALA A 8 3.44 -8.13 10.97
CA ALA A 8 4.47 -7.09 10.94
C ALA A 8 5.41 -7.33 9.79
N LEU A 9 5.95 -8.54 9.76
CA LEU A 9 6.89 -8.96 8.72
C LEU A 9 6.35 -8.61 7.35
N HIS A 10 5.29 -9.30 6.98
CA HIS A 10 4.66 -9.11 5.68
C HIS A 10 4.20 -7.66 5.50
N HIS A 11 3.55 -7.13 6.52
CA HIS A 11 3.03 -5.77 6.45
C HIS A 11 4.14 -4.73 6.42
N LEU A 12 5.10 -4.92 5.52
CA LEU A 12 6.20 -3.97 5.38
C LEU A 12 5.61 -2.58 5.16
N ALA A 13 4.61 -2.55 4.29
CA ALA A 13 3.91 -1.31 3.94
C ALA A 13 4.87 -0.28 3.38
N HIS A 14 4.37 0.94 3.21
CA HIS A 14 5.15 2.04 2.66
C HIS A 14 5.40 1.83 1.18
N LEU A 15 5.47 0.57 0.81
CA LEU A 15 5.72 0.20 -0.58
C LEU A 15 4.43 0.23 -1.39
N ALA A 16 3.33 0.41 -0.69
CA ALA A 16 2.02 0.42 -1.34
C ALA A 16 1.42 1.83 -1.48
N LEU A 17 1.61 2.66 -0.47
CA LEU A 17 1.04 4.02 -0.49
C LEU A 17 1.18 4.64 -1.87
N HIS A 18 2.37 4.62 -2.37
CA HIS A 18 2.66 5.18 -3.69
C HIS A 18 2.03 4.31 -4.75
N LEU A 19 2.19 3.02 -4.57
CA LEU A 19 1.62 2.05 -5.48
C LEU A 19 0.12 2.30 -5.55
N ALA A 20 -0.41 2.78 -4.44
CA ALA A 20 -1.83 3.07 -4.36
C ALA A 20 -2.16 4.16 -5.37
N LEU A 21 -1.47 5.28 -5.24
CA LEU A 21 -1.67 6.39 -6.16
C LEU A 21 -1.41 5.90 -7.57
N ALA A 22 -0.32 5.19 -7.74
CA ALA A 22 0.03 4.64 -9.05
C ALA A 22 -1.06 3.71 -9.53
N LEU A 23 -1.67 3.02 -8.59
CA LEU A 23 -2.74 2.08 -8.90
C LEU A 23 -4.04 2.86 -9.12
N LYS A 24 -4.13 4.00 -8.47
CA LYS A 24 -5.33 4.83 -8.59
C LYS A 24 -5.31 5.62 -9.89
N LYS A 25 -4.13 5.99 -10.34
CA LYS A 25 -4.00 6.77 -11.57
C LYS A 25 -4.88 8.02 -11.50
N ALA A 26 -5.79 8.16 -12.45
CA ALA A 26 -6.70 9.31 -12.49
C ALA A 26 -7.95 9.02 -11.67
N LYS A 1 -6.80 19.09 -0.07
CA LYS A 1 -6.57 17.75 -0.68
C LYS A 1 -7.92 17.15 -1.08
N LYS A 2 -7.90 15.98 -1.73
CA LYS A 2 -9.13 15.32 -2.15
C LYS A 2 -9.02 13.81 -1.93
N ALA A 3 -9.15 13.04 -3.00
CA ALA A 3 -9.06 11.58 -2.92
C ALA A 3 -7.88 11.14 -2.05
N LEU A 4 -6.89 12.02 -1.95
CA LEU A 4 -5.71 11.73 -1.14
C LEU A 4 -6.14 11.10 0.17
N LEU A 5 -7.21 11.64 0.73
CA LEU A 5 -7.75 11.15 1.99
C LEU A 5 -7.80 9.63 1.96
N ALA A 6 -8.39 9.10 0.90
CA ALA A 6 -8.50 7.65 0.75
C ALA A 6 -7.11 7.03 0.67
N LEU A 7 -6.25 7.67 -0.09
CA LEU A 7 -4.88 7.20 -0.25
C LEU A 7 -4.19 7.19 1.10
N ALA A 8 -4.39 8.27 1.84
CA ALA A 8 -3.79 8.42 3.16
C ALA A 8 -4.46 7.48 4.16
N LEU A 9 -5.77 7.56 4.18
CA LEU A 9 -6.59 6.77 5.09
C LEU A 9 -6.15 5.30 5.17
N HIS A 10 -6.41 4.56 4.11
CA HIS A 10 -6.10 3.12 4.08
C HIS A 10 -4.62 2.83 3.79
N HIS A 11 -4.23 3.03 2.55
CA HIS A 11 -2.87 2.72 2.10
C HIS A 11 -1.80 3.32 3.02
N LEU A 12 -1.50 2.61 4.10
CA LEU A 12 -0.47 3.08 5.04
C LEU A 12 0.91 2.60 4.60
N ALA A 13 0.96 1.32 4.28
CA ALA A 13 2.21 0.69 3.86
C ALA A 13 3.03 1.59 2.93
N HIS A 14 4.33 1.55 3.13
CA HIS A 14 5.27 2.35 2.34
C HIS A 14 5.30 1.89 0.90
N LEU A 15 5.51 0.60 0.72
CA LEU A 15 5.59 0.01 -0.61
C LEU A 15 4.24 -0.04 -1.26
N ALA A 16 3.24 0.34 -0.51
CA ALA A 16 1.87 0.32 -1.01
C ALA A 16 1.33 1.71 -1.33
N LEU A 17 1.43 2.62 -0.38
CA LEU A 17 0.91 3.97 -0.56
C LEU A 17 1.25 4.54 -1.93
N HIS A 18 2.50 4.48 -2.25
CA HIS A 18 2.98 5.00 -3.54
C HIS A 18 2.34 4.25 -4.68
N LEU A 19 2.34 2.94 -4.55
CA LEU A 19 1.75 2.08 -5.56
C LEU A 19 0.26 2.33 -5.60
N ALA A 20 -0.29 2.67 -4.45
CA ALA A 20 -1.71 2.95 -4.34
C ALA A 20 -2.09 4.10 -5.26
N LEU A 21 -1.33 5.18 -5.14
CA LEU A 21 -1.57 6.35 -5.98
C LEU A 21 -1.45 5.94 -7.42
N ALA A 22 -0.33 5.32 -7.76
CA ALA A 22 -0.07 4.87 -9.12
C ALA A 22 -1.20 3.98 -9.60
N LEU A 23 -1.67 3.11 -8.71
CA LEU A 23 -2.76 2.21 -9.04
C LEU A 23 -4.00 3.01 -9.39
N LYS A 24 -4.40 3.87 -8.46
CA LYS A 24 -5.57 4.70 -8.68
C LYS A 24 -5.34 5.59 -9.89
N LYS A 25 -4.27 6.35 -9.84
CA LYS A 25 -3.91 7.26 -10.94
C LYS A 25 -2.64 8.03 -10.59
N ALA A 26 -1.67 8.01 -11.49
CA ALA A 26 -0.42 8.72 -11.26
C ALA A 26 -0.55 10.16 -11.73
N LYS A 1 -20.04 2.80 -0.38
CA LYS A 1 -18.76 3.56 -0.36
C LYS A 1 -17.82 2.97 -1.41
N LYS A 2 -17.20 3.83 -2.19
CA LYS A 2 -16.27 3.38 -3.22
C LYS A 2 -14.85 3.34 -2.66
N ALA A 3 -14.50 4.35 -1.88
CA ALA A 3 -13.16 4.43 -1.30
C ALA A 3 -12.98 3.37 -0.21
N LEU A 4 -12.91 2.11 -0.62
CA LEU A 4 -12.73 1.02 0.34
C LEU A 4 -11.39 0.35 0.14
N LEU A 5 -11.33 -0.58 -0.81
CA LEU A 5 -10.12 -1.31 -1.12
C LEU A 5 -8.95 -0.35 -1.33
N ALA A 6 -9.20 0.66 -2.15
CA ALA A 6 -8.17 1.65 -2.46
C ALA A 6 -7.50 2.13 -1.18
N LEU A 7 -8.33 2.39 -0.18
CA LEU A 7 -7.83 2.85 1.11
C LEU A 7 -7.00 1.75 1.74
N ALA A 8 -7.66 0.64 2.01
CA ALA A 8 -7.02 -0.52 2.60
C ALA A 8 -5.68 -0.75 1.93
N LEU A 9 -5.75 -0.83 0.62
CA LEU A 9 -4.56 -1.03 -0.20
C LEU A 9 -3.55 0.09 0.04
N HIS A 10 -3.95 1.29 -0.31
CA HIS A 10 -3.10 2.47 -0.13
C HIS A 10 -2.53 2.51 1.29
N HIS A 11 -3.33 2.04 2.23
CA HIS A 11 -2.91 2.05 3.63
C HIS A 11 -2.28 0.71 4.05
N LEU A 12 -1.93 -0.14 3.09
CA LEU A 12 -1.31 -1.42 3.42
C LEU A 12 0.07 -1.15 4.00
N ALA A 13 0.91 -0.52 3.20
CA ALA A 13 2.26 -0.19 3.60
C ALA A 13 2.81 0.91 2.71
N HIS A 14 3.80 1.63 3.20
CA HIS A 14 4.40 2.71 2.41
C HIS A 14 4.87 2.17 1.07
N LEU A 15 5.26 0.90 1.08
CA LEU A 15 5.71 0.23 -0.14
C LEU A 15 4.55 0.09 -1.08
N ALA A 16 3.37 0.40 -0.57
CA ALA A 16 2.16 0.29 -1.36
C ALA A 16 1.54 1.66 -1.59
N LEU A 17 1.58 2.49 -0.57
CA LEU A 17 1.00 3.83 -0.63
C LEU A 17 1.25 4.46 -1.98
N HIS A 18 2.47 4.35 -2.43
CA HIS A 18 2.87 4.90 -3.72
C HIS A 18 2.31 4.06 -4.85
N LEU A 19 2.52 2.76 -4.72
CA LEU A 19 2.03 1.82 -5.71
C LEU A 19 0.53 1.99 -5.83
N ALA A 20 -0.07 2.42 -4.73
CA ALA A 20 -1.51 2.65 -4.68
C ALA A 20 -1.84 3.89 -5.48
N LEU A 21 -1.10 4.96 -5.23
CA LEU A 21 -1.33 6.20 -5.96
C LEU A 21 -1.32 5.90 -7.44
N ALA A 22 -0.26 5.23 -7.87
CA ALA A 22 -0.09 4.85 -9.26
C ALA A 22 -1.27 4.00 -9.72
N LEU A 23 -1.86 3.29 -8.78
CA LEU A 23 -3.00 2.42 -9.09
C LEU A 23 -4.28 3.25 -9.11
N LYS A 24 -4.44 4.07 -8.08
CA LYS A 24 -5.60 4.93 -7.96
C LYS A 24 -5.62 5.94 -9.09
N LYS A 25 -4.48 6.56 -9.31
CA LYS A 25 -4.35 7.56 -10.37
C LYS A 25 -4.34 6.90 -11.74
N ALA A 26 -4.97 7.56 -12.71
CA ALA A 26 -5.01 7.03 -14.07
C ALA A 26 -4.19 7.94 -14.98
N LYS A 1 1.76 -25.17 5.24
CA LYS A 1 3.11 -24.74 5.73
C LYS A 1 2.95 -23.41 6.48
N LYS A 2 4.05 -22.91 7.01
CA LYS A 2 4.03 -21.65 7.76
C LYS A 2 3.38 -20.54 6.94
N ALA A 3 2.59 -19.72 7.62
CA ALA A 3 1.91 -18.61 6.97
C ALA A 3 2.86 -17.44 6.81
N LEU A 4 4.11 -17.64 7.23
CA LEU A 4 5.14 -16.62 7.13
C LEU A 4 5.04 -15.92 5.79
N LEU A 5 4.81 -16.70 4.77
CA LEU A 5 4.69 -16.18 3.42
C LEU A 5 3.75 -14.99 3.42
N ALA A 6 2.55 -15.24 3.90
CA ALA A 6 1.53 -14.20 3.98
C ALA A 6 2.04 -13.01 4.78
N LEU A 7 2.75 -13.30 5.85
CA LEU A 7 3.31 -12.25 6.70
C LEU A 7 4.38 -11.47 5.95
N ALA A 8 5.24 -12.21 5.27
CA ALA A 8 6.33 -11.63 4.50
C ALA A 8 5.80 -10.90 3.28
N LEU A 9 5.01 -11.61 2.50
CA LEU A 9 4.42 -11.06 1.28
C LEU A 9 3.68 -9.76 1.55
N HIS A 10 2.57 -9.88 2.25
CA HIS A 10 1.73 -8.74 2.57
C HIS A 10 2.20 -8.02 3.82
N HIS A 11 1.48 -6.96 4.20
CA HIS A 11 1.80 -6.18 5.38
C HIS A 11 3.00 -5.28 5.17
N LEU A 12 3.70 -5.44 4.06
CA LEU A 12 4.86 -4.61 3.79
C LEU A 12 4.51 -3.13 3.93
N ALA A 13 3.42 -2.75 3.28
CA ALA A 13 2.96 -1.36 3.32
C ALA A 13 4.07 -0.41 2.96
N HIS A 14 3.75 0.88 2.92
CA HIS A 14 4.73 1.92 2.60
C HIS A 14 5.08 1.82 1.14
N LEU A 15 5.35 0.61 0.76
CA LEU A 15 5.70 0.29 -0.62
C LEU A 15 4.44 0.35 -1.46
N ALA A 16 3.31 0.41 -0.77
CA ALA A 16 2.03 0.46 -1.45
C ALA A 16 1.51 1.89 -1.54
N LEU A 17 1.76 2.66 -0.50
CA LEU A 17 1.33 4.05 -0.44
C LEU A 17 1.42 4.72 -1.80
N HIS A 18 2.58 4.61 -2.39
CA HIS A 18 2.81 5.19 -3.71
C HIS A 18 2.09 4.36 -4.76
N LEU A 19 2.26 3.06 -4.66
CA LEU A 19 1.62 2.14 -5.58
C LEU A 19 0.13 2.41 -5.54
N ALA A 20 -0.34 2.89 -4.40
CA ALA A 20 -1.74 3.20 -4.24
C ALA A 20 -2.08 4.31 -5.21
N LEU A 21 -1.27 5.35 -5.17
CA LEU A 21 -1.46 6.48 -6.08
C LEU A 21 -1.26 5.99 -7.50
N ALA A 22 -0.28 5.10 -7.66
CA ALA A 22 0.03 4.53 -8.95
C ALA A 22 -1.15 3.72 -9.48
N LEU A 23 -1.66 2.84 -8.64
CA LEU A 23 -2.80 2.00 -9.01
C LEU A 23 -4.00 2.86 -9.33
N LYS A 24 -4.43 3.62 -8.36
CA LYS A 24 -5.58 4.50 -8.51
C LYS A 24 -5.26 5.58 -9.54
N LYS A 25 -3.98 5.83 -9.72
CA LYS A 25 -3.51 6.84 -10.66
C LYS A 25 -3.58 8.21 -10.02
N ALA A 26 -2.49 8.98 -10.14
CA ALA A 26 -2.44 10.31 -9.55
C ALA A 26 -1.56 11.21 -10.41
N LYS A 1 4.36 18.94 -2.72
CA LYS A 1 5.00 19.47 -1.48
C LYS A 1 5.92 18.40 -0.92
N LYS A 2 6.88 17.95 -1.72
CA LYS A 2 7.82 16.91 -1.30
C LYS A 2 7.08 15.61 -1.00
N ALA A 3 7.82 14.51 -0.94
CA ALA A 3 7.22 13.23 -0.61
C ALA A 3 6.74 13.29 0.83
N LEU A 4 5.47 13.62 1.01
CA LEU A 4 4.89 13.73 2.35
C LEU A 4 3.42 13.37 2.31
N LEU A 5 2.66 14.18 1.58
CA LEU A 5 1.22 13.95 1.45
C LEU A 5 0.96 12.48 1.17
N ALA A 6 1.76 11.92 0.28
CA ALA A 6 1.63 10.53 -0.08
C ALA A 6 1.72 9.66 1.17
N LEU A 7 2.72 9.97 1.98
CA LEU A 7 2.92 9.24 3.24
C LEU A 7 1.77 9.55 4.18
N ALA A 8 1.44 10.82 4.24
CA ALA A 8 0.35 11.29 5.08
C ALA A 8 -0.93 10.56 4.71
N LEU A 9 -1.23 10.61 3.44
CA LEU A 9 -2.42 9.96 2.91
C LEU A 9 -2.50 8.51 3.36
N HIS A 10 -1.51 7.73 2.98
CA HIS A 10 -1.51 6.32 3.37
C HIS A 10 -0.14 5.84 3.84
N HIS A 11 0.03 5.93 5.15
CA HIS A 11 1.25 5.52 5.82
C HIS A 11 1.10 4.07 6.32
N LEU A 12 0.19 3.33 5.70
CA LEU A 12 -0.05 1.95 6.12
C LEU A 12 1.10 1.05 5.74
N ALA A 13 1.21 0.78 4.46
CA ALA A 13 2.27 -0.11 3.96
C ALA A 13 3.49 0.68 3.52
N HIS A 14 3.27 1.87 2.98
CA HIS A 14 4.33 2.75 2.47
C HIS A 14 4.82 2.19 1.15
N LEU A 15 5.01 0.90 1.15
CA LEU A 15 5.46 0.17 -0.03
C LEU A 15 4.35 0.21 -1.06
N ALA A 16 3.16 0.35 -0.55
CA ALA A 16 1.99 0.39 -1.40
C ALA A 16 1.56 1.83 -1.65
N LEU A 17 1.73 2.68 -0.64
CA LEU A 17 1.35 4.09 -0.71
C LEU A 17 1.55 4.64 -2.12
N HIS A 18 2.70 4.32 -2.67
CA HIS A 18 3.04 4.79 -4.01
C HIS A 18 2.41 3.90 -5.07
N LEU A 19 2.60 2.61 -4.88
CA LEU A 19 2.04 1.63 -5.81
C LEU A 19 0.55 1.81 -5.88
N ALA A 20 0.00 2.30 -4.79
CA ALA A 20 -1.44 2.55 -4.69
C ALA A 20 -1.79 3.80 -5.46
N LEU A 21 -1.18 4.91 -5.07
CA LEU A 21 -1.42 6.18 -5.74
C LEU A 21 -1.27 6.00 -7.23
N ALA A 22 -0.28 5.23 -7.60
CA ALA A 22 0.00 4.96 -9.01
C ALA A 22 -1.22 4.37 -9.70
N LEU A 23 -1.79 3.34 -9.09
CA LEU A 23 -2.96 2.66 -9.65
C LEU A 23 -4.24 3.40 -9.30
N LYS A 24 -4.36 3.75 -8.04
CA LYS A 24 -5.56 4.44 -7.54
C LYS A 24 -5.77 5.77 -8.25
N LYS A 25 -4.75 6.59 -8.29
CA LYS A 25 -4.86 7.89 -8.94
C LYS A 25 -4.64 7.79 -10.44
N ALA A 26 -4.97 8.85 -11.15
CA ALA A 26 -4.80 8.90 -12.59
C ALA A 26 -3.50 9.60 -12.94
N LYS A 1 -11.98 -18.01 9.70
CA LYS A 1 -10.67 -17.30 9.66
C LYS A 1 -10.87 -15.92 9.06
N LYS A 2 -10.75 -14.88 9.88
CA LYS A 2 -10.91 -13.52 9.40
C LYS A 2 -9.68 -13.11 8.60
N ALA A 3 -9.79 -12.02 7.85
CA ALA A 3 -8.66 -11.53 7.08
C ALA A 3 -7.59 -10.97 8.01
N LEU A 4 -7.24 -11.75 9.03
CA LEU A 4 -6.24 -11.34 10.00
C LEU A 4 -4.84 -11.52 9.42
N LEU A 5 -4.49 -12.76 9.16
CA LEU A 5 -3.19 -13.09 8.60
C LEU A 5 -2.83 -12.08 7.53
N ALA A 6 -3.82 -11.78 6.69
CA ALA A 6 -3.64 -10.82 5.61
C ALA A 6 -2.98 -9.57 6.13
N LEU A 7 -3.55 -9.03 7.20
CA LEU A 7 -3.00 -7.81 7.81
C LEU A 7 -1.58 -8.06 8.27
N ALA A 8 -1.40 -9.19 8.94
CA ALA A 8 -0.10 -9.58 9.45
C ALA A 8 0.97 -9.35 8.41
N LEU A 9 0.75 -9.93 7.24
CA LEU A 9 1.69 -9.82 6.14
C LEU A 9 1.45 -8.55 5.32
N HIS A 10 0.41 -7.81 5.67
CA HIS A 10 0.07 -6.57 4.97
C HIS A 10 0.95 -5.42 5.46
N HIS A 11 0.32 -4.27 5.68
CA HIS A 11 1.01 -3.07 6.16
C HIS A 11 2.19 -2.73 5.27
N LEU A 12 2.00 -2.83 3.96
CA LEU A 12 3.06 -2.47 3.03
C LEU A 12 3.20 -0.97 3.00
N ALA A 13 2.07 -0.30 3.14
CA ALA A 13 2.00 1.16 3.16
C ALA A 13 3.13 1.78 2.34
N HIS A 14 4.24 2.05 3.00
CA HIS A 14 5.41 2.65 2.34
C HIS A 14 5.63 2.05 0.97
N LEU A 15 5.43 0.75 0.90
CA LEU A 15 5.64 0.01 -0.34
C LEU A 15 4.35 -0.12 -1.13
N ALA A 16 3.26 0.35 -0.56
CA ALA A 16 1.96 0.25 -1.21
C ALA A 16 1.34 1.62 -1.50
N LEU A 17 1.36 2.49 -0.51
CA LEU A 17 0.77 3.83 -0.66
C LEU A 17 1.08 4.42 -2.03
N HIS A 18 2.35 4.39 -2.36
CA HIS A 18 2.80 4.90 -3.64
C HIS A 18 2.16 4.14 -4.77
N LEU A 19 2.27 2.82 -4.68
CA LEU A 19 1.67 1.95 -5.67
C LEU A 19 0.18 2.17 -5.69
N ALA A 20 -0.35 2.50 -4.53
CA ALA A 20 -1.77 2.77 -4.38
C ALA A 20 -2.13 4.00 -5.19
N LEU A 21 -1.32 5.01 -5.04
CA LEU A 21 -1.53 6.25 -5.78
C LEU A 21 -1.37 5.96 -7.27
N ALA A 22 -0.30 5.26 -7.59
CA ALA A 22 -0.03 4.89 -8.99
C ALA A 22 -1.18 4.07 -9.53
N LEU A 23 -1.65 3.13 -8.71
CA LEU A 23 -2.76 2.28 -9.10
C LEU A 23 -3.99 3.13 -9.38
N LYS A 24 -4.27 4.05 -8.46
CA LYS A 24 -5.41 4.94 -8.59
C LYS A 24 -5.21 5.83 -9.81
N LYS A 25 -4.02 6.42 -9.88
CA LYS A 25 -3.60 7.31 -10.97
C LYS A 25 -3.22 8.67 -10.41
N ALA A 26 -2.18 9.27 -10.99
CA ALA A 26 -1.72 10.57 -10.54
C ALA A 26 -1.53 11.50 -11.74
N LYS A 1 0.88 -7.65 -9.06
CA LYS A 1 0.60 -7.52 -7.60
C LYS A 1 1.34 -8.64 -6.84
N LYS A 2 2.66 -8.69 -7.01
CA LYS A 2 3.45 -9.72 -6.33
C LYS A 2 3.71 -9.30 -4.89
N ALA A 3 3.24 -10.10 -3.93
CA ALA A 3 3.44 -9.80 -2.52
C ALA A 3 3.20 -11.03 -1.66
N LEU A 4 4.25 -11.74 -1.34
CA LEU A 4 4.13 -12.94 -0.50
C LEU A 4 4.70 -12.65 0.88
N LEU A 5 6.02 -12.62 0.96
CA LEU A 5 6.67 -12.32 2.23
C LEU A 5 6.09 -11.04 2.80
N ALA A 6 6.07 -10.02 1.96
CA ALA A 6 5.52 -8.72 2.37
C ALA A 6 4.08 -8.89 2.84
N LEU A 7 3.32 -9.72 2.12
CA LEU A 7 1.94 -9.97 2.48
C LEU A 7 1.89 -10.49 3.91
N ALA A 8 2.76 -11.43 4.19
CA ALA A 8 2.85 -12.00 5.52
C ALA A 8 3.18 -10.89 6.52
N LEU A 9 4.24 -10.18 6.20
CA LEU A 9 4.70 -9.06 7.04
C LEU A 9 3.60 -8.04 7.24
N HIS A 10 3.32 -7.24 6.21
CA HIS A 10 2.31 -6.20 6.31
C HIS A 10 1.80 -5.74 4.94
N HIS A 11 1.76 -6.66 3.99
CA HIS A 11 1.29 -6.35 2.63
C HIS A 11 2.28 -5.45 1.90
N LEU A 12 2.12 -4.14 2.05
CA LEU A 12 3.00 -3.17 1.40
C LEU A 12 3.06 -1.90 2.23
N ALA A 13 1.89 -1.40 2.57
CA ALA A 13 1.78 -0.19 3.36
C ALA A 13 2.66 0.92 2.78
N HIS A 14 3.74 1.26 3.49
CA HIS A 14 4.65 2.30 3.04
C HIS A 14 5.15 2.01 1.63
N LEU A 15 5.11 0.75 1.25
CA LEU A 15 5.56 0.36 -0.09
C LEU A 15 4.37 0.36 -1.03
N ALA A 16 3.19 0.50 -0.47
CA ALA A 16 1.96 0.48 -1.25
C ALA A 16 1.54 1.88 -1.68
N LEU A 17 1.44 2.80 -0.73
CA LEU A 17 1.00 4.16 -1.01
C LEU A 17 1.43 4.60 -2.39
N HIS A 18 2.69 4.38 -2.68
CA HIS A 18 3.23 4.73 -4.00
C HIS A 18 2.48 4.00 -5.08
N LEU A 19 2.60 2.68 -5.03
CA LEU A 19 1.95 1.81 -6.01
C LEU A 19 0.45 2.01 -5.94
N ALA A 20 -0.01 2.42 -4.78
CA ALA A 20 -1.42 2.67 -4.58
C ALA A 20 -1.86 3.86 -5.41
N LEU A 21 -1.22 4.98 -5.18
CA LEU A 21 -1.53 6.19 -5.92
C LEU A 21 -1.39 5.94 -7.41
N ALA A 22 -0.30 5.28 -7.76
CA ALA A 22 0.00 4.96 -9.16
C ALA A 22 -1.15 4.17 -9.80
N LEU A 23 -1.84 3.40 -8.98
CA LEU A 23 -2.95 2.58 -9.48
C LEU A 23 -4.29 3.27 -9.23
N LYS A 24 -4.43 3.80 -8.03
CA LYS A 24 -5.67 4.48 -7.65
C LYS A 24 -5.89 5.71 -8.51
N LYS A 25 -4.96 6.64 -8.42
CA LYS A 25 -5.03 7.88 -9.18
C LYS A 25 -4.18 7.79 -10.43
N ALA A 26 -3.97 8.94 -11.06
CA ALA A 26 -3.17 9.01 -12.27
C ALA A 26 -2.68 10.45 -12.48
N LYS A 1 -8.18 -6.73 -5.13
CA LYS A 1 -7.29 -7.87 -4.77
C LYS A 1 -5.87 -7.57 -5.27
N LYS A 2 -5.36 -6.39 -4.95
CA LYS A 2 -4.02 -6.00 -5.36
C LYS A 2 -3.16 -5.72 -4.13
N ALA A 3 -3.64 -4.83 -3.28
CA ALA A 3 -2.91 -4.50 -2.06
C ALA A 3 -2.93 -5.69 -1.10
N LEU A 4 -2.59 -6.86 -1.62
CA LEU A 4 -2.58 -8.08 -0.83
C LEU A 4 -1.23 -8.26 -0.15
N LEU A 5 -0.23 -8.55 -0.95
CA LEU A 5 1.13 -8.76 -0.44
C LEU A 5 1.48 -7.63 0.52
N ALA A 6 1.18 -6.41 0.11
CA ALA A 6 1.46 -5.23 0.93
C ALA A 6 0.80 -5.40 2.29
N LEU A 7 -0.43 -5.87 2.27
CA LEU A 7 -1.18 -6.10 3.50
C LEU A 7 -0.36 -7.01 4.41
N ALA A 8 -0.13 -8.22 3.92
CA ALA A 8 0.66 -9.19 4.65
C ALA A 8 1.99 -8.56 5.05
N LEU A 9 2.66 -8.03 4.03
CA LEU A 9 3.96 -7.38 4.22
C LEU A 9 3.95 -6.51 5.47
N HIS A 10 3.14 -5.46 5.45
CA HIS A 10 3.05 -4.55 6.59
C HIS A 10 1.75 -3.76 6.56
N HIS A 11 0.65 -4.45 6.25
CA HIS A 11 -0.67 -3.81 6.19
C HIS A 11 -0.64 -2.58 5.30
N LEU A 12 -0.11 -1.49 5.84
CA LEU A 12 0.01 -0.26 5.09
C LEU A 12 1.21 -0.36 4.17
N ALA A 13 2.19 -1.13 4.64
CA ALA A 13 3.42 -1.37 3.88
C ALA A 13 4.19 -0.09 3.64
N HIS A 14 3.48 0.96 3.27
CA HIS A 14 4.09 2.25 2.96
C HIS A 14 4.72 2.18 1.59
N LEU A 15 5.16 0.99 1.25
CA LEU A 15 5.71 0.74 -0.08
C LEU A 15 4.54 0.61 -1.03
N ALA A 16 3.35 0.59 -0.44
CA ALA A 16 2.12 0.48 -1.20
C ALA A 16 1.62 1.84 -1.64
N LEU A 17 1.62 2.79 -0.71
CA LEU A 17 1.16 4.14 -1.00
C LEU A 17 1.55 4.54 -2.41
N HIS A 18 2.77 4.23 -2.75
CA HIS A 18 3.31 4.52 -4.09
C HIS A 18 2.49 3.78 -5.12
N LEU A 19 2.55 2.47 -5.03
CA LEU A 19 1.84 1.59 -5.93
C LEU A 19 0.35 1.92 -5.88
N ALA A 20 -0.07 2.38 -4.72
CA ALA A 20 -1.47 2.74 -4.51
C ALA A 20 -1.83 3.91 -5.39
N LEU A 21 -1.17 5.03 -5.15
CA LEU A 21 -1.41 6.25 -5.93
C LEU A 21 -1.36 5.96 -7.41
N ALA A 22 -0.26 5.35 -7.83
CA ALA A 22 -0.06 5.02 -9.24
C ALA A 22 -1.26 4.32 -9.85
N LEU A 23 -1.83 3.40 -9.10
CA LEU A 23 -2.99 2.64 -9.58
C LEU A 23 -4.28 3.33 -9.22
N LYS A 24 -4.38 3.75 -7.98
CA LYS A 24 -5.59 4.41 -7.49
C LYS A 24 -5.88 5.69 -8.25
N LYS A 25 -4.87 6.52 -8.42
CA LYS A 25 -5.04 7.80 -9.11
C LYS A 25 -5.65 7.57 -10.49
N ALA A 26 -6.68 8.34 -10.80
CA ALA A 26 -7.35 8.25 -12.07
C ALA A 26 -8.01 9.58 -12.39
N LYS A 1 -0.63 -7.59 -12.48
CA LYS A 1 -0.32 -8.43 -11.29
C LYS A 1 -0.45 -7.56 -10.05
N LYS A 2 -1.08 -8.10 -9.00
CA LYS A 2 -1.27 -7.38 -7.76
C LYS A 2 -0.36 -7.94 -6.68
N ALA A 3 -0.28 -9.27 -6.58
CA ALA A 3 0.56 -9.92 -5.57
C ALA A 3 0.17 -9.39 -4.20
N LEU A 4 -1.11 -9.09 -4.05
CA LEU A 4 -1.63 -8.57 -2.79
C LEU A 4 -1.25 -9.48 -1.65
N LEU A 5 -1.76 -10.69 -1.72
CA LEU A 5 -1.49 -11.69 -0.69
C LEU A 5 0.00 -11.72 -0.39
N ALA A 6 0.79 -11.70 -1.45
CA ALA A 6 2.24 -11.71 -1.31
C ALA A 6 2.69 -10.44 -0.62
N LEU A 7 2.16 -9.32 -1.09
CA LEU A 7 2.50 -8.03 -0.50
C LEU A 7 2.10 -8.03 0.96
N ALA A 8 0.82 -8.24 1.19
CA ALA A 8 0.28 -8.30 2.55
C ALA A 8 1.19 -9.15 3.42
N LEU A 9 1.48 -10.32 2.91
CA LEU A 9 2.35 -11.26 3.59
C LEU A 9 3.70 -10.59 3.85
N HIS A 10 4.32 -10.15 2.78
CA HIS A 10 5.62 -9.48 2.86
C HIS A 10 5.54 -8.31 3.86
N HIS A 11 4.51 -7.50 3.70
CA HIS A 11 4.29 -6.34 4.56
C HIS A 11 2.99 -5.65 4.16
N LEU A 12 3.03 -4.33 3.94
CA LEU A 12 1.82 -3.62 3.55
C LEU A 12 2.13 -2.22 3.07
N ALA A 13 2.39 -1.33 4.00
CA ALA A 13 2.67 0.06 3.67
C ALA A 13 4.04 0.23 3.04
N HIS A 14 4.43 1.49 2.87
CA HIS A 14 5.71 1.86 2.28
C HIS A 14 5.72 1.56 0.81
N LEU A 15 5.21 0.40 0.49
CA LEU A 15 5.16 -0.05 -0.89
C LEU A 15 3.75 0.04 -1.42
N ALA A 16 2.84 0.39 -0.53
CA ALA A 16 1.44 0.49 -0.90
C ALA A 16 1.06 1.90 -1.32
N LEU A 17 1.20 2.84 -0.39
CA LEU A 17 0.85 4.23 -0.63
C LEU A 17 1.22 4.69 -2.03
N HIS A 18 2.50 4.69 -2.26
CA HIS A 18 3.04 5.12 -3.54
C HIS A 18 2.41 4.37 -4.70
N LEU A 19 2.32 3.07 -4.52
CA LEU A 19 1.73 2.21 -5.53
C LEU A 19 0.24 2.48 -5.59
N ALA A 20 -0.31 2.84 -4.43
CA ALA A 20 -1.73 3.12 -4.33
C ALA A 20 -2.08 4.24 -5.30
N LEU A 21 -1.39 5.35 -5.16
CA LEU A 21 -1.61 6.48 -6.04
C LEU A 21 -1.42 6.04 -7.48
N ALA A 22 -0.27 5.43 -7.72
CA ALA A 22 0.07 4.94 -9.05
C ALA A 22 -1.01 4.00 -9.57
N LEU A 23 -1.37 3.04 -8.74
CA LEU A 23 -2.38 2.05 -9.11
C LEU A 23 -3.73 2.72 -9.24
N LYS A 24 -4.09 3.50 -8.23
CA LYS A 24 -5.37 4.20 -8.24
C LYS A 24 -5.46 5.09 -9.47
N LYS A 25 -4.41 5.85 -9.69
CA LYS A 25 -4.34 6.74 -10.84
C LYS A 25 -4.28 5.92 -12.11
N ALA A 26 -3.33 5.00 -12.15
CA ALA A 26 -3.14 4.11 -13.30
C ALA A 26 -2.66 4.91 -14.52
N LYS A 1 4.46 -0.35 -13.77
CA LYS A 1 5.57 -0.23 -12.78
C LYS A 1 4.96 -0.30 -11.38
N LYS A 2 5.82 -0.40 -10.37
CA LYS A 2 5.36 -0.47 -8.98
C LYS A 2 4.57 -1.75 -8.74
N ALA A 3 3.55 -1.99 -9.56
CA ALA A 3 2.72 -3.19 -9.42
C ALA A 3 3.53 -4.44 -9.72
N LEU A 4 4.67 -4.57 -9.07
CA LEU A 4 5.55 -5.72 -9.25
C LEU A 4 6.26 -6.01 -7.94
N LEU A 5 7.37 -5.32 -7.72
CA LEU A 5 8.14 -5.48 -6.49
C LEU A 5 7.20 -5.38 -5.30
N ALA A 6 6.38 -4.35 -5.30
CA ALA A 6 5.43 -4.14 -4.23
C ALA A 6 4.53 -5.36 -4.09
N LEU A 7 4.17 -5.94 -5.21
CA LEU A 7 3.32 -7.13 -5.21
C LEU A 7 4.13 -8.30 -4.69
N ALA A 8 5.38 -8.37 -5.13
CA ALA A 8 6.28 -9.44 -4.72
C ALA A 8 6.57 -9.34 -3.23
N LEU A 9 7.17 -8.22 -2.85
CA LEU A 9 7.51 -7.98 -1.45
C LEU A 9 6.24 -7.91 -0.61
N HIS A 10 5.20 -7.36 -1.23
CA HIS A 10 3.89 -7.19 -0.59
C HIS A 10 3.63 -5.72 -0.32
N HIS A 11 2.66 -5.16 -1.02
CA HIS A 11 2.30 -3.75 -0.86
C HIS A 11 1.71 -3.51 0.52
N LEU A 12 2.41 -4.03 1.53
CA LEU A 12 1.98 -3.88 2.91
C LEU A 12 2.70 -2.70 3.54
N ALA A 13 3.96 -2.53 3.15
CA ALA A 13 4.78 -1.45 3.67
C ALA A 13 4.55 -0.17 2.87
N HIS A 14 5.36 0.84 3.19
CA HIS A 14 5.28 2.15 2.53
C HIS A 14 5.13 2.02 1.03
N LEU A 15 5.75 1.01 0.47
CA LEU A 15 5.69 0.77 -0.97
C LEU A 15 4.24 0.71 -1.42
N ALA A 16 3.38 0.58 -0.44
CA ALA A 16 1.96 0.50 -0.69
C ALA A 16 1.40 1.81 -1.20
N LEU A 17 1.46 2.84 -0.35
CA LEU A 17 0.92 4.15 -0.69
C LEU A 17 1.21 4.50 -2.15
N HIS A 18 2.44 4.29 -2.53
CA HIS A 18 2.83 4.57 -3.91
C HIS A 18 1.97 3.75 -4.86
N LEU A 19 2.07 2.45 -4.66
CA LEU A 19 1.32 1.51 -5.46
C LEU A 19 -0.15 1.84 -5.39
N ALA A 20 -0.55 2.41 -4.27
CA ALA A 20 -1.94 2.80 -4.08
C ALA A 20 -2.29 3.96 -4.99
N LEU A 21 -1.61 5.07 -4.79
CA LEU A 21 -1.85 6.26 -5.60
C LEU A 21 -1.56 5.95 -7.06
N ALA A 22 -0.41 5.33 -7.29
CA ALA A 22 0.01 4.97 -8.63
C ALA A 22 -1.04 4.09 -9.31
N LEU A 23 -1.66 3.21 -8.54
CA LEU A 23 -2.67 2.33 -9.09
C LEU A 23 -3.78 3.16 -9.70
N LYS A 24 -4.26 4.13 -8.96
CA LYS A 24 -5.30 5.02 -9.47
C LYS A 24 -4.73 5.80 -10.63
N LYS A 25 -3.69 6.57 -10.31
CA LYS A 25 -3.00 7.39 -11.31
C LYS A 25 -1.67 7.86 -10.74
N ALA A 26 -1.71 8.95 -9.99
CA ALA A 26 -0.52 9.52 -9.37
C ALA A 26 -0.92 10.62 -8.42
N LYS A 1 -8.82 -1.39 18.56
CA LYS A 1 -8.06 -2.07 19.63
C LYS A 1 -6.89 -2.84 19.00
N LYS A 2 -5.70 -2.62 19.55
CA LYS A 2 -4.49 -3.30 19.08
C LYS A 2 -4.34 -3.25 17.55
N ALA A 3 -4.76 -4.33 16.90
CA ALA A 3 -4.64 -4.46 15.45
C ALA A 3 -5.19 -3.27 14.68
N LEU A 4 -4.40 -2.21 14.58
CA LEU A 4 -4.78 -1.02 13.85
C LEU A 4 -3.53 -0.34 13.35
N LEU A 5 -3.01 0.57 14.15
CA LEU A 5 -1.78 1.26 13.79
C LEU A 5 -0.69 0.23 13.56
N ALA A 6 -0.41 -0.51 14.61
CA ALA A 6 0.60 -1.54 14.57
C ALA A 6 0.30 -2.54 13.44
N LEU A 7 -0.98 -2.68 13.12
CA LEU A 7 -1.38 -3.60 12.06
C LEU A 7 -0.81 -3.10 10.76
N ALA A 8 -1.16 -1.88 10.41
CA ALA A 8 -0.67 -1.26 9.18
C ALA A 8 0.84 -1.34 9.18
N LEU A 9 1.42 -0.84 10.27
CA LEU A 9 2.87 -0.83 10.43
C LEU A 9 3.43 -2.24 10.23
N HIS A 10 2.78 -3.21 10.86
CA HIS A 10 3.21 -4.60 10.76
C HIS A 10 3.55 -4.97 9.31
N HIS A 11 2.78 -4.42 8.38
CA HIS A 11 3.00 -4.68 6.96
C HIS A 11 4.28 -4.04 6.48
N LEU A 12 4.67 -2.95 7.13
CA LEU A 12 5.87 -2.19 6.76
C LEU A 12 5.64 -1.46 5.45
N ALA A 13 4.83 -2.09 4.61
CA ALA A 13 4.45 -1.57 3.29
C ALA A 13 5.20 -0.29 2.93
N HIS A 14 4.50 0.85 3.04
CA HIS A 14 5.06 2.15 2.70
C HIS A 14 5.20 2.25 1.19
N LEU A 15 5.41 1.12 0.56
CA LEU A 15 5.52 1.06 -0.88
C LEU A 15 4.10 1.10 -1.46
N ALA A 16 3.18 0.59 -0.66
CA ALA A 16 1.79 0.55 -1.04
C ALA A 16 1.30 1.94 -1.40
N LEU A 17 1.42 2.85 -0.43
CA LEU A 17 1.00 4.24 -0.62
C LEU A 17 1.23 4.64 -2.06
N HIS A 18 2.41 4.32 -2.54
CA HIS A 18 2.77 4.64 -3.92
C HIS A 18 2.05 3.72 -4.89
N LEU A 19 2.27 2.43 -4.69
CA LEU A 19 1.66 1.41 -5.52
C LEU A 19 0.16 1.67 -5.62
N ALA A 20 -0.37 2.22 -4.55
CA ALA A 20 -1.79 2.53 -4.48
C ALA A 20 -2.07 3.74 -5.33
N LEU A 21 -1.40 4.83 -5.00
CA LEU A 21 -1.56 6.07 -5.75
C LEU A 21 -1.26 5.80 -7.21
N ALA A 22 -0.16 5.11 -7.46
CA ALA A 22 0.26 4.76 -8.81
C ALA A 22 -0.86 4.02 -9.53
N LEU A 23 -1.61 3.25 -8.77
CA LEU A 23 -2.71 2.49 -9.35
C LEU A 23 -3.93 3.40 -9.47
N LYS A 24 -4.26 4.03 -8.37
CA LYS A 24 -5.41 4.93 -8.30
C LYS A 24 -5.28 6.10 -9.26
N LYS A 25 -4.12 6.75 -9.26
CA LYS A 25 -3.91 7.93 -10.10
C LYS A 25 -4.82 7.93 -11.34
N ALA A 26 -4.44 7.16 -12.35
CA ALA A 26 -5.21 7.06 -13.58
C ALA A 26 -4.86 5.78 -14.30
N LYS A 1 -10.83 -16.98 16.29
CA LYS A 1 -9.80 -16.65 15.26
C LYS A 1 -9.71 -15.14 15.12
N LYS A 2 -8.59 -14.66 14.62
CA LYS A 2 -8.37 -13.23 14.42
C LYS A 2 -7.82 -12.99 13.02
N ALA A 3 -8.30 -11.94 12.36
CA ALA A 3 -7.81 -11.62 11.02
C ALA A 3 -6.38 -11.10 11.10
N LEU A 4 -5.52 -11.89 11.72
CA LEU A 4 -4.12 -11.52 11.88
C LEU A 4 -3.45 -11.39 10.53
N LEU A 5 -3.33 -12.54 9.88
CA LEU A 5 -2.73 -12.59 8.55
C LEU A 5 -3.25 -11.43 7.72
N ALA A 6 -4.57 -11.36 7.67
CA ALA A 6 -5.25 -10.32 6.95
C ALA A 6 -4.76 -8.95 7.41
N LEU A 7 -4.77 -8.76 8.73
CA LEU A 7 -4.31 -7.52 9.33
C LEU A 7 -2.87 -7.25 8.91
N ALA A 8 -2.03 -8.26 9.11
CA ALA A 8 -0.62 -8.15 8.75
C ALA A 8 -0.50 -7.66 7.33
N LEU A 9 -1.12 -8.41 6.44
CA LEU A 9 -1.11 -8.08 5.02
C LEU A 9 -1.75 -6.73 4.80
N HIS A 10 -3.02 -6.65 5.16
CA HIS A 10 -3.82 -5.44 5.00
C HIS A 10 -3.00 -4.17 5.19
N HIS A 11 -2.10 -4.18 6.15
CA HIS A 11 -1.26 -3.01 6.41
C HIS A 11 -0.54 -2.59 5.14
N LEU A 12 -0.92 -1.43 4.60
CA LEU A 12 -0.31 -0.93 3.38
C LEU A 12 1.20 -0.89 3.51
N ALA A 13 1.65 -0.36 4.64
CA ALA A 13 3.07 -0.23 4.95
C ALA A 13 3.62 1.06 4.37
N HIS A 14 4.35 0.98 3.26
CA HIS A 14 4.93 2.18 2.65
C HIS A 14 4.84 2.16 1.13
N LEU A 15 5.58 1.24 0.52
CA LEU A 15 5.60 1.13 -0.93
C LEU A 15 4.19 1.04 -1.46
N ALA A 16 3.34 0.48 -0.63
CA ALA A 16 1.95 0.32 -0.98
C ALA A 16 1.34 1.66 -1.36
N LEU A 17 1.46 2.62 -0.46
CA LEU A 17 0.93 3.96 -0.66
C LEU A 17 1.19 4.39 -2.09
N HIS A 18 2.44 4.31 -2.48
CA HIS A 18 2.83 4.70 -3.83
C HIS A 18 2.13 3.81 -4.82
N LEU A 19 2.26 2.53 -4.58
CA LEU A 19 1.66 1.52 -5.43
C LEU A 19 0.17 1.81 -5.56
N ALA A 20 -0.38 2.34 -4.49
CA ALA A 20 -1.80 2.70 -4.46
C ALA A 20 -2.02 3.94 -5.30
N LEU A 21 -1.20 4.93 -5.08
CA LEU A 21 -1.28 6.16 -5.83
C LEU A 21 -1.21 5.85 -7.31
N ALA A 22 -0.12 5.20 -7.70
CA ALA A 22 0.07 4.83 -9.09
C ALA A 22 -1.14 4.06 -9.61
N LEU A 23 -1.65 3.18 -8.76
CA LEU A 23 -2.81 2.38 -9.13
C LEU A 23 -4.02 3.28 -9.32
N LYS A 24 -4.31 4.08 -8.30
CA LYS A 24 -5.44 5.00 -8.36
C LYS A 24 -5.25 5.99 -9.49
N LYS A 25 -4.05 6.53 -9.58
CA LYS A 25 -3.69 7.52 -10.60
C LYS A 25 -4.46 7.30 -11.90
N ALA A 26 -3.93 6.44 -12.76
CA ALA A 26 -4.58 6.16 -14.04
C ALA A 26 -3.89 4.97 -14.73
N LYS A 1 -17.84 -0.33 -1.58
CA LYS A 1 -17.19 -1.67 -1.53
C LYS A 1 -15.99 -1.58 -0.60
N LYS A 2 -15.33 -2.71 -0.37
CA LYS A 2 -14.16 -2.73 0.48
C LYS A 2 -12.90 -2.79 -0.38
N ALA A 3 -11.87 -2.08 0.05
CA ALA A 3 -10.60 -2.05 -0.69
C ALA A 3 -9.91 -3.40 -0.64
N LEU A 4 -10.66 -4.48 -0.84
CA LEU A 4 -10.07 -5.81 -0.81
C LEU A 4 -9.07 -5.95 -1.94
N LEU A 5 -9.57 -5.84 -3.15
CA LEU A 5 -8.71 -5.94 -4.33
C LEU A 5 -7.45 -5.11 -4.13
N ALA A 6 -7.67 -3.88 -3.67
CA ALA A 6 -6.56 -2.97 -3.40
C ALA A 6 -5.73 -3.49 -2.25
N LEU A 7 -6.40 -3.95 -1.21
CA LEU A 7 -5.72 -4.50 -0.03
C LEU A 7 -4.75 -5.58 -0.47
N ALA A 8 -5.27 -6.49 -1.30
CA ALA A 8 -4.47 -7.59 -1.83
C ALA A 8 -3.38 -7.05 -2.74
N LEU A 9 -3.82 -6.29 -3.73
CA LEU A 9 -2.92 -5.72 -4.73
C LEU A 9 -1.58 -5.31 -4.11
N HIS A 10 -1.57 -4.19 -3.41
CA HIS A 10 -0.33 -3.69 -2.81
C HIS A 10 -0.48 -3.41 -1.32
N HIS A 11 -1.37 -2.48 -1.01
CA HIS A 11 -1.63 -2.04 0.37
C HIS A 11 -0.86 -2.87 1.40
N LEU A 12 0.16 -2.26 1.98
CA LEU A 12 0.99 -2.91 2.98
C LEU A 12 1.66 -1.83 3.82
N ALA A 13 2.48 -1.02 3.16
CA ALA A 13 3.19 0.06 3.82
C ALA A 13 3.59 1.12 2.80
N HIS A 14 4.63 1.89 3.11
CA HIS A 14 5.09 2.93 2.20
C HIS A 14 5.34 2.36 0.81
N LEU A 15 5.69 1.08 0.77
CA LEU A 15 5.96 0.41 -0.48
C LEU A 15 4.66 0.12 -1.21
N ALA A 16 3.56 0.38 -0.54
CA ALA A 16 2.26 0.13 -1.12
C ALA A 16 1.49 1.43 -1.38
N LEU A 17 1.52 2.32 -0.40
CA LEU A 17 0.81 3.60 -0.51
C LEU A 17 0.98 4.22 -1.89
N HIS A 18 2.22 4.25 -2.32
CA HIS A 18 2.55 4.83 -3.61
C HIS A 18 1.93 3.99 -4.72
N LEU A 19 2.12 2.71 -4.60
CA LEU A 19 1.54 1.77 -5.56
C LEU A 19 0.06 2.01 -5.59
N ALA A 20 -0.45 2.31 -4.41
CA ALA A 20 -1.87 2.60 -4.26
C ALA A 20 -2.20 3.82 -5.10
N LEU A 21 -1.40 4.86 -4.91
CA LEU A 21 -1.57 6.08 -5.66
C LEU A 21 -1.41 5.76 -7.14
N ALA A 22 -0.34 5.06 -7.45
CA ALA A 22 -0.06 4.65 -8.81
C ALA A 22 -1.29 3.95 -9.39
N LEU A 23 -1.92 3.13 -8.56
CA LEU A 23 -3.13 2.41 -8.99
C LEU A 23 -4.09 3.41 -9.60
N LYS A 24 -4.35 4.47 -8.87
CA LYS A 24 -5.24 5.53 -9.33
C LYS A 24 -4.50 6.33 -10.40
N LYS A 25 -3.20 6.45 -10.20
CA LYS A 25 -2.33 7.16 -11.11
C LYS A 25 -2.52 8.67 -11.01
N ALA A 26 -1.54 9.39 -11.54
CA ALA A 26 -1.57 10.85 -11.54
C ALA A 26 -1.03 11.37 -12.86
N LYS A 1 -7.98 -0.97 17.11
CA LYS A 1 -7.25 -0.50 18.31
C LYS A 1 -5.80 -0.96 18.22
N LYS A 2 -4.87 -0.06 18.54
CA LYS A 2 -3.44 -0.38 18.47
C LYS A 2 -3.11 -0.99 17.11
N ALA A 3 -3.93 -0.69 16.11
CA ALA A 3 -3.73 -1.22 14.77
C ALA A 3 -3.55 -0.09 13.76
N LEU A 4 -2.66 0.84 14.07
CA LEU A 4 -2.39 1.96 13.19
C LEU A 4 -0.96 1.84 12.69
N LEU A 5 -0.03 2.42 13.44
CA LEU A 5 1.38 2.34 13.07
C LEU A 5 1.78 0.87 13.10
N ALA A 6 1.36 0.21 14.17
CA ALA A 6 1.64 -1.21 14.35
C ALA A 6 1.13 -1.99 13.14
N LEU A 7 0.03 -1.52 12.58
CA LEU A 7 -0.55 -2.15 11.40
C LEU A 7 0.43 -2.04 10.26
N ALA A 8 0.75 -0.81 9.92
CA ALA A 8 1.73 -0.53 8.88
C ALA A 8 2.96 -1.37 9.13
N LEU A 9 3.46 -1.25 10.35
CA LEU A 9 4.63 -2.00 10.79
C LEU A 9 4.48 -3.47 10.43
N HIS A 10 3.34 -4.04 10.80
CA HIS A 10 3.07 -5.45 10.53
C HIS A 10 3.46 -5.81 9.10
N HIS A 11 2.84 -5.15 8.14
CA HIS A 11 3.14 -5.41 6.73
C HIS A 11 4.41 -4.67 6.33
N LEU A 12 4.80 -4.79 5.07
CA LEU A 12 5.97 -4.09 4.57
C LEU A 12 5.68 -2.59 4.58
N ALA A 13 4.53 -2.25 4.03
CA ALA A 13 4.06 -0.88 3.97
C ALA A 13 5.04 0.01 3.23
N HIS A 14 4.64 1.26 3.03
CA HIS A 14 5.43 2.25 2.30
C HIS A 14 5.54 1.88 0.85
N LEU A 15 5.55 0.59 0.61
CA LEU A 15 5.65 0.06 -0.74
C LEU A 15 4.30 0.09 -1.42
N ALA A 16 3.26 0.38 -0.65
CA ALA A 16 1.90 0.40 -1.18
C ALA A 16 1.37 1.83 -1.35
N LEU A 17 1.52 2.64 -0.31
CA LEU A 17 1.01 4.02 -0.33
C LEU A 17 1.16 4.66 -1.70
N HIS A 18 2.35 4.55 -2.22
CA HIS A 18 2.65 5.11 -3.54
C HIS A 18 1.97 4.30 -4.62
N LEU A 19 2.15 3.01 -4.50
CA LEU A 19 1.56 2.09 -5.45
C LEU A 19 0.06 2.31 -5.46
N ALA A 20 -0.45 2.71 -4.29
CA ALA A 20 -1.86 2.99 -4.15
C ALA A 20 -2.24 4.14 -5.07
N LEU A 21 -1.39 5.17 -5.05
CA LEU A 21 -1.60 6.32 -5.91
C LEU A 21 -1.41 5.89 -7.35
N ALA A 22 -0.32 5.17 -7.59
CA ALA A 22 -0.01 4.68 -8.93
C ALA A 22 -1.15 3.82 -9.45
N LEU A 23 -1.68 2.98 -8.59
CA LEU A 23 -2.78 2.10 -8.97
C LEU A 23 -3.93 2.92 -9.53
N LYS A 24 -4.32 3.93 -8.78
CA LYS A 24 -5.41 4.81 -9.20
C LYS A 24 -4.92 5.73 -10.31
N LYS A 25 -3.64 6.08 -10.25
CA LYS A 25 -3.04 6.97 -11.24
C LYS A 25 -3.70 8.32 -11.17
N ALA A 26 -3.52 8.98 -10.05
CA ALA A 26 -4.09 10.30 -9.82
C ALA A 26 -3.48 10.92 -8.57
N LYS A 1 17.43 -11.88 11.85
CA LYS A 1 16.90 -11.90 10.45
C LYS A 1 15.81 -12.95 10.36
N LYS A 2 14.79 -12.83 11.20
CA LYS A 2 13.68 -13.76 11.20
C LYS A 2 12.37 -12.99 11.16
N ALA A 3 12.11 -12.35 10.03
CA ALA A 3 10.89 -11.57 9.86
C ALA A 3 9.68 -12.50 9.80
N LEU A 4 9.13 -12.80 10.97
CA LEU A 4 7.96 -13.67 11.04
C LEU A 4 6.72 -12.84 11.29
N LEU A 5 6.48 -12.54 12.55
CA LEU A 5 5.33 -11.71 12.92
C LEU A 5 5.36 -10.45 12.08
N ALA A 6 6.56 -9.89 11.95
CA ALA A 6 6.76 -8.69 11.16
C ALA A 6 6.22 -8.87 9.76
N LEU A 7 6.57 -9.99 9.13
CA LEU A 7 6.10 -10.28 7.79
C LEU A 7 4.59 -10.14 7.72
N ALA A 8 3.94 -10.66 8.74
CA ALA A 8 2.48 -10.62 8.83
C ALA A 8 1.99 -9.22 9.14
N LEU A 9 2.52 -8.67 10.22
CA LEU A 9 2.14 -7.33 10.66
C LEU A 9 2.59 -6.27 9.66
N HIS A 10 3.84 -6.35 9.26
CA HIS A 10 4.41 -5.39 8.31
C HIS A 10 3.83 -5.61 6.92
N HIS A 11 4.41 -4.93 5.94
CA HIS A 11 3.96 -5.05 4.56
C HIS A 11 2.50 -4.62 4.44
N LEU A 12 2.07 -3.74 5.32
CA LEU A 12 0.71 -3.23 5.30
C LEU A 12 0.59 -2.15 4.25
N ALA A 13 1.09 -0.98 4.59
CA ALA A 13 1.08 0.14 3.67
C ALA A 13 2.29 1.03 3.87
N HIS A 14 2.86 1.46 2.76
CA HIS A 14 4.04 2.33 2.74
C HIS A 14 4.66 2.26 1.36
N LEU A 15 5.22 1.12 1.05
CA LEU A 15 5.81 0.89 -0.27
C LEU A 15 4.68 0.76 -1.28
N ALA A 16 3.53 0.36 -0.76
CA ALA A 16 2.34 0.22 -1.59
C ALA A 16 1.69 1.58 -1.79
N LEU A 17 1.77 2.41 -0.76
CA LEU A 17 1.18 3.75 -0.82
C LEU A 17 1.43 4.35 -2.18
N HIS A 18 2.67 4.23 -2.62
CA HIS A 18 3.06 4.72 -3.94
C HIS A 18 2.28 3.97 -4.99
N LEU A 19 2.43 2.66 -4.95
CA LEU A 19 1.74 1.80 -5.88
C LEU A 19 0.25 2.10 -5.82
N ALA A 20 -0.19 2.52 -4.64
CA ALA A 20 -1.59 2.88 -4.44
C ALA A 20 -1.92 4.09 -5.29
N LEU A 21 -1.12 5.12 -5.12
CA LEU A 21 -1.31 6.33 -5.91
C LEU A 21 -1.14 5.99 -7.37
N ALA A 22 -0.22 5.09 -7.63
CA ALA A 22 0.04 4.63 -8.98
C ALA A 22 -1.17 3.87 -9.50
N LEU A 23 -1.78 3.11 -8.63
CA LEU A 23 -2.96 2.31 -8.96
C LEU A 23 -4.20 3.19 -9.02
N LYS A 24 -4.43 3.93 -7.95
CA LYS A 24 -5.59 4.82 -7.87
C LYS A 24 -5.44 5.97 -8.85
N LYS A 25 -4.22 6.45 -8.98
CA LYS A 25 -3.92 7.58 -9.87
C LYS A 25 -4.29 8.88 -9.16
N ALA A 26 -5.18 9.66 -9.77
CA ALA A 26 -5.61 10.93 -9.17
C ALA A 26 -6.83 10.69 -8.32
N LYS A 1 6.61 -12.74 15.21
CA LYS A 1 5.49 -13.33 15.99
C LYS A 1 4.19 -13.03 15.26
N LYS A 2 3.12 -13.73 15.64
CA LYS A 2 1.81 -13.51 15.01
C LYS A 2 1.28 -12.13 15.37
N ALA A 3 2.12 -11.11 15.20
CA ALA A 3 1.73 -9.75 15.50
C ALA A 3 1.28 -9.04 14.22
N LEU A 4 0.81 -9.81 13.25
CA LEU A 4 0.36 -9.24 11.99
C LEU A 4 -0.49 -8.02 12.24
N LEU A 5 -1.48 -8.20 13.10
CA LEU A 5 -2.39 -7.10 13.46
C LEU A 5 -1.58 -5.88 13.83
N ALA A 6 -0.49 -6.12 14.56
CA ALA A 6 0.39 -5.04 14.99
C ALA A 6 1.24 -4.57 13.83
N LEU A 7 1.72 -5.53 13.04
CA LEU A 7 2.53 -5.20 11.87
C LEU A 7 1.72 -4.33 10.95
N ALA A 8 0.59 -4.87 10.57
CA ALA A 8 -0.36 -4.17 9.70
C ALA A 8 -0.59 -2.78 10.22
N LEU A 9 -0.98 -2.71 11.48
CA LEU A 9 -1.24 -1.44 12.14
C LEU A 9 0.00 -0.56 12.04
N HIS A 10 1.13 -1.13 12.43
CA HIS A 10 2.40 -0.40 12.40
C HIS A 10 2.70 0.05 10.97
N HIS A 11 2.67 -0.89 10.05
CA HIS A 11 2.95 -0.60 8.65
C HIS A 11 1.68 -0.70 7.81
N LEU A 12 0.74 0.20 8.06
CA LEU A 12 -0.52 0.20 7.31
C LEU A 12 -0.22 0.16 5.82
N ALA A 13 0.62 1.09 5.39
CA ALA A 13 1.02 1.17 3.99
C ALA A 13 2.33 1.93 3.86
N HIS A 14 3.17 1.42 2.98
CA HIS A 14 4.48 2.03 2.74
C HIS A 14 4.80 1.99 1.26
N LEU A 15 5.32 0.87 0.80
CA LEU A 15 5.64 0.71 -0.61
C LEU A 15 4.36 0.80 -1.40
N ALA A 16 3.28 0.39 -0.73
CA ALA A 16 1.97 0.41 -1.35
C ALA A 16 1.50 1.84 -1.59
N LEU A 17 1.57 2.67 -0.57
CA LEU A 17 1.14 4.07 -0.66
C LEU A 17 1.39 4.59 -2.06
N HIS A 18 2.60 4.41 -2.51
CA HIS A 18 2.99 4.86 -3.86
C HIS A 18 2.29 4.03 -4.91
N LEU A 19 2.50 2.74 -4.82
CA LEU A 19 1.90 1.81 -5.76
C LEU A 19 0.40 2.02 -5.78
N ALA A 20 -0.12 2.48 -4.66
CA ALA A 20 -1.54 2.76 -4.53
C ALA A 20 -1.86 3.98 -5.36
N LEU A 21 -1.08 5.03 -5.16
CA LEU A 21 -1.27 6.25 -5.92
C LEU A 21 -1.15 5.94 -7.40
N ALA A 22 -0.16 5.12 -7.72
CA ALA A 22 0.06 4.71 -9.10
C ALA A 22 -1.14 3.94 -9.63
N LEU A 23 -1.75 3.16 -8.76
CA LEU A 23 -2.91 2.36 -9.14
C LEU A 23 -4.15 3.22 -9.11
N LYS A 24 -4.39 3.82 -7.96
CA LYS A 24 -5.54 4.68 -7.75
C LYS A 24 -5.70 5.66 -8.89
N LYS A 25 -4.59 5.96 -9.55
CA LYS A 25 -4.60 6.87 -10.67
C LYS A 25 -5.72 6.49 -11.64
N ALA A 26 -5.94 5.17 -11.79
CA ALA A 26 -6.98 4.64 -12.66
C ALA A 26 -6.84 5.14 -14.10
N LYS A 1 -8.22 0.54 1.46
CA LYS A 1 -7.35 0.64 0.26
C LYS A 1 -7.27 -0.72 -0.39
N LYS A 2 -7.11 -0.75 -1.70
CA LYS A 2 -7.01 -2.01 -2.43
C LYS A 2 -5.70 -2.71 -2.04
N ALA A 3 -5.51 -2.91 -0.74
CA ALA A 3 -4.30 -3.56 -0.26
C ALA A 3 -4.63 -4.49 0.91
N LEU A 4 -5.88 -4.95 0.96
CA LEU A 4 -6.29 -5.87 2.02
C LEU A 4 -5.34 -7.05 2.05
N LEU A 5 -5.29 -7.75 0.94
CA LEU A 5 -4.41 -8.91 0.79
C LEU A 5 -3.03 -8.57 1.35
N ALA A 6 -2.57 -7.37 1.03
CA ALA A 6 -1.29 -6.90 1.51
C ALA A 6 -1.37 -6.63 2.99
N LEU A 7 -2.42 -5.93 3.41
CA LEU A 7 -2.62 -5.61 4.81
C LEU A 7 -2.60 -6.90 5.62
N ALA A 8 -3.32 -7.89 5.12
CA ALA A 8 -3.37 -9.19 5.76
C ALA A 8 -1.97 -9.72 5.95
N LEU A 9 -1.28 -9.87 4.84
CA LEU A 9 0.10 -10.35 4.85
C LEU A 9 0.93 -9.43 5.74
N HIS A 10 0.92 -8.17 5.38
CA HIS A 10 1.63 -7.14 6.13
C HIS A 10 1.40 -5.79 5.46
N HIS A 11 0.66 -4.92 6.14
CA HIS A 11 0.36 -3.61 5.60
C HIS A 11 1.63 -2.79 5.44
N LEU A 12 2.46 -3.17 4.47
CA LEU A 12 3.70 -2.46 4.20
C LEU A 12 3.41 -0.97 4.12
N ALA A 13 2.28 -0.67 3.50
CA ALA A 13 1.83 0.72 3.33
C ALA A 13 2.85 1.53 2.55
N HIS A 14 3.96 1.83 3.18
CA HIS A 14 5.03 2.61 2.55
C HIS A 14 5.33 2.11 1.15
N LEU A 15 5.41 0.80 1.03
CA LEU A 15 5.70 0.17 -0.25
C LEU A 15 4.45 0.06 -1.11
N ALA A 16 3.32 0.45 -0.54
CA ALA A 16 2.05 0.36 -1.26
C ALA A 16 1.48 1.74 -1.54
N LEU A 17 1.50 2.59 -0.54
CA LEU A 17 0.96 3.96 -0.65
C LEU A 17 1.24 4.52 -2.03
N HIS A 18 2.45 4.32 -2.48
CA HIS A 18 2.86 4.81 -3.79
C HIS A 18 2.20 4.00 -4.88
N LEU A 19 2.38 2.69 -4.80
CA LEU A 19 1.77 1.79 -5.77
C LEU A 19 0.28 2.01 -5.79
N ALA A 20 -0.24 2.42 -4.64
CA ALA A 20 -1.66 2.69 -4.50
C ALA A 20 -2.02 3.88 -5.37
N LEU A 21 -1.43 5.01 -5.08
CA LEU A 21 -1.69 6.21 -5.86
C LEU A 21 -1.38 5.94 -7.32
N ALA A 22 -0.36 5.13 -7.54
CA ALA A 22 0.04 4.76 -8.90
C ALA A 22 -1.11 4.09 -9.61
N LEU A 23 -1.74 3.16 -8.93
CA LEU A 23 -2.88 2.43 -9.50
C LEU A 23 -4.13 3.30 -9.44
N LYS A 24 -4.26 4.02 -8.35
CA LYS A 24 -5.41 4.90 -8.14
C LYS A 24 -5.44 6.00 -9.19
N LYS A 25 -4.36 6.76 -9.28
CA LYS A 25 -4.27 7.86 -10.25
C LYS A 25 -5.29 8.95 -9.91
N ALA A 26 -5.88 9.56 -10.93
CA ALA A 26 -6.86 10.62 -10.73
C ALA A 26 -8.10 10.08 -10.05
N LYS A 1 -5.97 6.25 2.99
CA LYS A 1 -7.33 5.95 2.47
C LYS A 1 -7.55 4.44 2.52
N LYS A 2 -7.68 3.91 3.74
CA LYS A 2 -7.89 2.48 3.97
C LYS A 2 -7.40 1.63 2.79
N ALA A 3 -6.10 1.70 2.52
CA ALA A 3 -5.52 0.93 1.43
C ALA A 3 -5.35 -0.53 1.85
N LEU A 4 -6.48 -1.21 2.02
CA LEU A 4 -6.43 -2.62 2.42
C LEU A 4 -5.43 -3.37 1.57
N LEU A 5 -5.55 -3.16 0.27
CA LEU A 5 -4.65 -3.80 -0.68
C LEU A 5 -3.22 -3.61 -0.25
N ALA A 6 -2.87 -2.37 0.02
CA ALA A 6 -1.52 -2.04 0.48
C ALA A 6 -1.20 -2.86 1.71
N LEU A 7 -2.15 -2.90 2.62
CA LEU A 7 -1.99 -3.68 3.85
C LEU A 7 -1.82 -5.13 3.51
N ALA A 8 -2.83 -5.67 2.87
CA ALA A 8 -2.83 -7.06 2.43
C ALA A 8 -1.49 -7.39 1.81
N LEU A 9 -1.14 -6.58 0.83
CA LEU A 9 0.13 -6.74 0.12
C LEU A 9 1.26 -6.82 1.14
N HIS A 10 1.52 -5.69 1.78
CA HIS A 10 2.56 -5.61 2.78
C HIS A 10 2.18 -4.58 3.84
N HIS A 11 2.01 -5.05 5.07
CA HIS A 11 1.65 -4.18 6.18
C HIS A 11 2.44 -2.87 6.13
N LEU A 12 3.58 -2.90 5.46
CA LEU A 12 4.40 -1.71 5.33
C LEU A 12 3.54 -0.58 4.77
N ALA A 13 2.68 -0.96 3.83
CA ALA A 13 1.73 -0.04 3.20
C ALA A 13 2.41 1.14 2.52
N HIS A 14 3.21 1.87 3.28
CA HIS A 14 3.90 3.05 2.76
C HIS A 14 4.59 2.75 1.44
N LEU A 15 5.13 1.56 1.29
CA LEU A 15 5.80 1.19 0.06
C LEU A 15 4.77 0.82 -0.99
N ALA A 16 3.59 0.43 -0.54
CA ALA A 16 2.51 0.09 -1.44
C ALA A 16 1.75 1.35 -1.80
N LEU A 17 1.70 2.28 -0.84
CA LEU A 17 1.01 3.55 -1.01
C LEU A 17 1.28 4.09 -2.41
N HIS A 18 2.53 4.00 -2.81
CA HIS A 18 2.93 4.46 -4.13
C HIS A 18 2.25 3.60 -5.16
N LEU A 19 2.52 2.32 -5.08
CA LEU A 19 1.92 1.36 -5.99
C LEU A 19 0.42 1.59 -6.00
N ALA A 20 -0.10 1.99 -4.86
CA ALA A 20 -1.52 2.28 -4.72
C ALA A 20 -1.82 3.59 -5.40
N LEU A 21 -1.04 4.60 -5.06
CA LEU A 21 -1.21 5.91 -5.66
C LEU A 21 -1.13 5.78 -7.16
N ALA A 22 -0.20 4.97 -7.62
CA ALA A 22 -0.04 4.75 -9.05
C ALA A 22 -1.36 4.31 -9.65
N LEU A 23 -1.99 3.35 -8.98
CA LEU A 23 -3.28 2.85 -9.43
C LEU A 23 -4.37 3.87 -9.16
N LYS A 24 -4.42 4.32 -7.93
CA LYS A 24 -5.42 5.31 -7.50
C LYS A 24 -5.29 6.59 -8.33
N LYS A 25 -4.08 6.92 -8.72
CA LYS A 25 -3.82 8.11 -9.51
C LYS A 25 -3.18 7.70 -10.85
N ALA A 26 -1.98 8.21 -11.10
CA ALA A 26 -1.25 7.91 -12.34
C ALA A 26 -0.05 8.83 -12.46
N LYS A 1 -18.30 -3.08 10.39
CA LYS A 1 -17.50 -3.48 11.59
C LYS A 1 -16.20 -2.70 11.58
N LYS A 2 -16.23 -1.49 12.10
CA LYS A 2 -15.06 -0.63 12.13
C LYS A 2 -13.99 -1.20 13.06
N ALA A 3 -13.26 -2.20 12.57
CA ALA A 3 -12.18 -2.80 13.36
C ALA A 3 -11.05 -1.78 13.50
N LEU A 4 -11.39 -0.63 14.06
CA LEU A 4 -10.44 0.46 14.24
C LEU A 4 -9.14 -0.07 14.81
N LEU A 5 -9.26 -0.73 15.95
CA LEU A 5 -8.10 -1.30 16.63
C LEU A 5 -7.20 -2.01 15.62
N ALA A 6 -7.82 -2.88 14.85
CA ALA A 6 -7.08 -3.63 13.83
C ALA A 6 -6.72 -2.71 12.68
N LEU A 7 -7.64 -1.82 12.34
CA LEU A 7 -7.42 -0.86 11.26
C LEU A 7 -6.16 -0.06 11.56
N ALA A 8 -6.13 0.53 12.73
CA ALA A 8 -4.99 1.32 13.17
C ALA A 8 -3.72 0.47 13.09
N LEU A 9 -3.78 -0.66 13.78
CA LEU A 9 -2.66 -1.60 13.81
C LEU A 9 -2.18 -1.88 12.40
N HIS A 10 -3.13 -2.17 11.52
CA HIS A 10 -2.80 -2.47 10.13
C HIS A 10 -2.30 -1.21 9.42
N HIS A 11 -2.98 -0.10 9.65
CA HIS A 11 -2.62 1.15 9.01
C HIS A 11 -1.13 1.44 9.14
N LEU A 12 -0.39 1.18 8.08
CA LEU A 12 1.04 1.44 8.07
C LEU A 12 1.54 1.49 6.64
N ALA A 13 1.77 0.32 6.06
CA ALA A 13 2.25 0.21 4.68
C ALA A 13 3.39 1.19 4.42
N HIS A 14 3.67 1.42 3.15
CA HIS A 14 4.74 2.34 2.75
C HIS A 14 5.06 2.17 1.29
N LEU A 15 5.48 0.98 0.90
CA LEU A 15 5.81 0.71 -0.48
C LEU A 15 4.52 0.71 -1.29
N ALA A 16 3.43 0.43 -0.62
CA ALA A 16 2.13 0.39 -1.27
C ALA A 16 1.63 1.80 -1.56
N LEU A 17 1.66 2.65 -0.55
CA LEU A 17 1.19 4.02 -0.67
C LEU A 17 1.41 4.54 -2.08
N HIS A 18 2.58 4.27 -2.58
CA HIS A 18 2.93 4.68 -3.93
C HIS A 18 2.17 3.86 -4.95
N LEU A 19 2.42 2.57 -4.92
CA LEU A 19 1.77 1.63 -5.82
C LEU A 19 0.27 1.81 -5.74
N ALA A 20 -0.17 2.25 -4.58
CA ALA A 20 -1.59 2.49 -4.34
C ALA A 20 -2.00 3.74 -5.08
N LEU A 21 -1.25 4.80 -4.87
CA LEU A 21 -1.52 6.06 -5.54
C LEU A 21 -1.51 5.82 -7.03
N ALA A 22 -0.41 5.24 -7.50
CA ALA A 22 -0.25 4.93 -8.91
C ALA A 22 -1.38 4.04 -9.39
N LEU A 23 -1.91 3.24 -8.47
CA LEU A 23 -3.02 2.36 -8.80
C LEU A 23 -4.18 3.18 -9.34
N LYS A 24 -4.48 4.26 -8.64
CA LYS A 24 -5.56 5.15 -9.05
C LYS A 24 -5.01 6.23 -9.96
N LYS A 25 -3.88 6.79 -9.57
CA LYS A 25 -3.24 7.84 -10.35
C LYS A 25 -2.49 7.23 -11.51
N ALA A 26 -3.15 7.14 -12.66
CA ALA A 26 -2.53 6.58 -13.85
C ALA A 26 -1.67 7.62 -14.55
#